data_4GQ6
#
_entry.id   4GQ6
#
_cell.length_a   48.601
_cell.length_b   80.056
_cell.length_c   124.551
_cell.angle_alpha   90.00
_cell.angle_beta   90.00
_cell.angle_gamma   90.00
#
_symmetry.space_group_name_H-M   'P 21 21 21'
#
loop_
_entity.id
_entity.type
_entity.pdbx_description
1 polymer Menin
2 polymer 'Histone-lysine N-methyltransferase MLL'
3 non-polymer 'SULFATE ION'
4 non-polymer 'PENTAETHYLENE GLYCOL'
5 water water
#
loop_
_entity_poly.entity_id
_entity_poly.type
_entity_poly.pdbx_seq_one_letter_code
_entity_poly.pdbx_strand_id
1 'polypeptide(L)'
;GGSSSMGLKAAQKTLFPLRSIDDVVRLFAAELGREEPDLVLLSLVLGFVEHFLAVNRVGLTYFPVADLSIIAALYARFTA
QIRGAVDLSLYPREGGVSSRELVKKVSDVIWNSLSRSYFKDRAHIQSLFSFITGTKLDSSGVAFAVVGACQALGLRDVHL
ALSEDHAWVVFGPNGEQTAEVTWHGKGNEDRRGQTVNAGVAERSWLYLKGSYMRCDRKMEVAFMVCAINPSIDLHTDSLE
LLQLQQKLLWLLYDLGHLERYPMALGNLADLEELEPTPGRPDPLTLYHKGIASAKTYYRDEHIYPYMYLAGYHCRNRNVR
EALQAWADTATVIQDYNYCREDEEIYKEFFEVANDVIPNLLKEAASLLEAGSQGSALQDPECFAHLLRFYDGICKWEEGS
PTPVLHVGWATFLVQSLGRFEGQVRQKVRIVSVPAPAASPPPEGPVLTFQSEKMKGMKELLVATKINSSAIKLQLTAQSQ
VQMKKQKVS
;
A
2 'polypeptide(L)' SARWRFPARPGT B
#
# COMPACT_ATOMS: atom_id res chain seq x y z
N GLY A 7 16.90 22.38 -18.30
CA GLY A 7 17.39 23.12 -17.05
C GLY A 7 18.26 22.24 -16.16
N LEU A 8 18.76 21.16 -16.76
CA LEU A 8 19.62 20.21 -16.08
C LEU A 8 21.04 20.78 -15.96
N LYS A 9 21.75 20.35 -14.95
CA LYS A 9 23.09 20.76 -14.75
C LYS A 9 24.02 19.87 -15.49
N ALA A 10 25.22 20.36 -15.84
CA ALA A 10 26.15 19.54 -16.58
C ALA A 10 26.43 18.20 -15.93
N ALA A 11 26.60 18.18 -14.60
CA ALA A 11 26.86 16.95 -13.82
C ALA A 11 25.75 15.90 -13.97
N GLN A 12 24.52 16.37 -14.15
CA GLN A 12 23.40 15.44 -14.33
C GLN A 12 23.34 14.77 -15.67
N LYS A 13 24.10 15.31 -16.64
CA LYS A 13 24.00 14.82 -18.01
C LYS A 13 25.14 13.83 -18.40
N THR A 14 26.19 13.73 -17.57
CA THR A 14 27.40 13.00 -17.95
C THR A 14 27.21 11.49 -18.10
N LEU A 15 26.17 10.92 -17.46
CA LEU A 15 25.96 9.46 -17.64
C LEU A 15 25.17 9.05 -18.88
N PHE A 16 24.55 10.00 -19.54
CA PHE A 16 23.82 9.67 -20.76
C PHE A 16 24.79 9.43 -21.91
N PRO A 17 24.40 8.55 -22.83
CA PRO A 17 23.08 7.87 -22.86
C PRO A 17 22.94 6.70 -21.90
N LEU A 18 21.75 6.45 -21.38
CA LEU A 18 21.56 5.30 -20.53
C LEU A 18 21.22 4.11 -21.36
N ARG A 19 22.09 3.09 -21.35
CA ARG A 19 21.98 1.98 -22.27
C ARG A 19 21.62 0.66 -21.63
N SER A 20 21.47 0.66 -20.31
CA SER A 20 21.11 -0.53 -19.58
C SER A 20 20.47 -0.20 -18.26
N ILE A 21 19.94 -1.26 -17.65
CA ILE A 21 19.39 -1.23 -16.28
C ILE A 21 20.45 -0.66 -15.35
N ASP A 22 21.67 -1.17 -15.44
CA ASP A 22 22.72 -0.70 -14.56
C ASP A 22 23.02 0.77 -14.80
N ASP A 23 22.93 1.25 -16.04
CA ASP A 23 23.13 2.72 -16.26
C ASP A 23 22.05 3.57 -15.59
N VAL A 24 20.84 3.08 -15.63
CA VAL A 24 19.73 3.73 -14.89
C VAL A 24 20.02 3.70 -13.39
N VAL A 25 20.47 2.58 -12.83
CA VAL A 25 20.88 2.52 -11.43
C VAL A 25 21.99 3.51 -11.10
N ARG A 26 22.99 3.64 -11.99
CA ARG A 26 24.07 4.63 -11.79
C ARG A 26 23.54 6.03 -11.75
N LEU A 27 22.54 6.34 -12.56
CA LEU A 27 21.93 7.66 -12.55
C LEU A 27 21.22 7.96 -11.23
N PHE A 28 20.44 6.97 -10.75
CA PHE A 28 19.82 7.08 -9.48
C PHE A 28 20.82 7.21 -8.33
N ALA A 29 21.91 6.46 -8.38
CA ALA A 29 22.95 6.60 -7.37
C ALA A 29 23.54 8.00 -7.38
N ALA A 30 23.80 8.56 -8.56
CA ALA A 30 24.43 9.85 -8.64
C ALA A 30 23.47 10.88 -8.12
N GLU A 31 22.17 10.83 -8.51
CA GLU A 31 21.22 11.81 -7.99
C GLU A 31 21.04 11.70 -6.48
N LEU A 32 21.01 10.48 -5.96
CA LEU A 32 20.80 10.29 -4.53
C LEU A 32 21.99 10.81 -3.73
N GLY A 33 23.14 10.92 -4.38
CA GLY A 33 24.33 11.51 -3.76
C GLY A 33 24.44 13.03 -3.86
N ARG A 34 23.50 13.65 -4.58
CA ARG A 34 23.42 15.10 -4.65
C ARG A 34 22.65 15.64 -3.48
N GLU A 35 22.75 16.97 -3.32
CA GLU A 35 22.07 17.65 -2.22
C GLU A 35 20.60 17.24 -2.18
N GLU A 36 19.92 17.33 -3.33
CA GLU A 36 18.58 16.86 -3.54
C GLU A 36 18.48 16.16 -4.88
N PRO A 37 17.97 14.95 -4.90
CA PRO A 37 17.79 14.25 -6.17
C PRO A 37 16.67 14.90 -6.98
N ASP A 38 16.89 14.90 -8.29
CA ASP A 38 16.02 15.61 -9.22
C ASP A 38 14.86 14.71 -9.57
N LEU A 39 13.72 14.93 -8.92
CA LEU A 39 12.54 14.05 -9.05
C LEU A 39 12.04 14.06 -10.52
N VAL A 40 12.07 15.23 -11.14
CA VAL A 40 11.57 15.38 -12.51
C VAL A 40 12.44 14.54 -13.48
N LEU A 41 13.76 14.68 -13.36
CA LEU A 41 14.65 13.88 -14.20
C LEU A 41 14.37 12.38 -14.02
N LEU A 42 14.33 11.98 -12.77
CA LEU A 42 14.25 10.57 -12.45
C LEU A 42 12.91 9.95 -12.85
N SER A 43 11.84 10.66 -12.63
CA SER A 43 10.51 10.18 -13.07
C SER A 43 10.40 10.13 -14.60
N LEU A 44 10.96 11.11 -15.30
CA LEU A 44 10.98 11.05 -16.76
C LEU A 44 11.75 9.82 -17.24
N VAL A 45 12.91 9.53 -16.67
CA VAL A 45 13.72 8.36 -17.07
C VAL A 45 12.96 7.08 -16.81
N LEU A 46 12.38 6.94 -15.59
CA LEU A 46 11.62 5.73 -15.31
C LEU A 46 10.43 5.56 -16.22
N GLY A 47 9.74 6.65 -16.48
CA GLY A 47 8.58 6.59 -17.37
C GLY A 47 8.90 6.25 -18.80
N PHE A 48 10.02 6.81 -19.28
CA PHE A 48 10.53 6.50 -20.60
C PHE A 48 10.86 5.01 -20.70
N VAL A 49 11.62 4.48 -19.73
CA VAL A 49 12.07 3.11 -19.85
C VAL A 49 10.87 2.19 -19.65
N GLU A 50 9.94 2.55 -18.77
CA GLU A 50 8.72 1.78 -18.62
C GLU A 50 7.86 1.81 -19.88
N HIS A 51 7.82 2.92 -20.56
CA HIS A 51 7.00 2.96 -21.75
C HIS A 51 7.52 1.96 -22.77
N PHE A 52 8.82 1.94 -22.96
CA PHE A 52 9.43 1.07 -23.98
C PHE A 52 9.76 -0.33 -23.51
N LEU A 53 9.51 -0.67 -22.25
CA LEU A 53 9.69 -2.06 -21.78
C LEU A 53 8.35 -2.68 -21.45
N ALA A 54 7.29 -1.88 -21.19
CA ALA A 54 5.96 -2.42 -20.86
C ALA A 54 4.86 -2.00 -21.76
N VAL A 55 4.82 -0.73 -22.21
CA VAL A 55 3.69 -0.20 -23.01
C VAL A 55 3.85 -0.52 -24.47
N ASN A 56 5.04 -0.29 -25.04
CA ASN A 56 5.35 -0.55 -26.45
C ASN A 56 6.77 -1.09 -26.58
N ARG A 57 6.90 -2.42 -26.72
CA ARG A 57 8.21 -3.13 -26.85
C ARG A 57 8.61 -3.37 -28.31
N VAL A 58 7.90 -2.74 -29.25
CA VAL A 58 8.24 -2.91 -30.66
C VAL A 58 9.65 -2.40 -30.92
N GLY A 59 10.52 -3.42 -31.51
CA GLY A 59 11.87 -3.00 -31.78
C GLY A 59 12.85 -3.11 -30.64
N LEU A 60 12.38 -3.52 -29.45
CA LEU A 60 13.29 -3.69 -28.33
C LEU A 60 14.28 -4.77 -28.66
N THR A 61 15.55 -4.54 -28.38
CA THR A 61 16.52 -5.60 -28.58
C THR A 61 17.25 -5.87 -27.28
N TYR A 62 17.32 -4.90 -26.39
CA TYR A 62 17.97 -5.16 -25.09
C TYR A 62 17.41 -4.17 -24.04
N PHE A 63 17.61 -2.91 -24.30
CA PHE A 63 17.23 -1.89 -23.35
C PHE A 63 16.89 -0.65 -24.17
N PRO A 64 15.83 0.10 -23.78
CA PRO A 64 15.55 1.31 -24.58
C PRO A 64 16.49 2.42 -24.26
N VAL A 65 17.39 2.75 -25.15
CA VAL A 65 18.47 3.68 -24.83
C VAL A 65 17.83 5.04 -24.61
N ALA A 66 18.15 5.63 -23.47
CA ALA A 66 17.68 6.95 -23.09
C ALA A 66 18.73 7.99 -23.45
N ASP A 67 18.52 8.62 -24.59
CA ASP A 67 19.41 9.65 -25.07
C ASP A 67 19.14 10.96 -24.36
N LEU A 68 20.21 11.69 -24.08
CA LEU A 68 20.08 12.96 -23.37
C LEU A 68 19.17 13.90 -24.14
N SER A 69 19.30 13.99 -25.48
CA SER A 69 18.44 14.93 -26.24
C SER A 69 16.92 14.70 -25.99
N ILE A 70 16.52 13.43 -25.95
CA ILE A 70 15.14 13.04 -25.69
C ILE A 70 14.74 13.41 -24.26
N ILE A 71 15.52 12.97 -23.28
CA ILE A 71 15.22 13.25 -21.89
C ILE A 71 15.22 14.73 -21.57
N ALA A 72 16.23 15.45 -22.07
CA ALA A 72 16.31 16.89 -21.83
C ALA A 72 15.12 17.61 -22.45
N ALA A 73 14.61 17.14 -23.61
CA ALA A 73 13.49 17.81 -24.27
C ALA A 73 12.23 17.64 -23.46
N LEU A 74 12.04 16.43 -22.92
CA LEU A 74 10.89 16.17 -22.06
C LEU A 74 11.02 17.04 -20.79
N TYR A 75 12.22 17.07 -20.19
CA TYR A 75 12.45 17.85 -18.99
C TYR A 75 12.10 19.31 -19.23
N ALA A 76 12.53 19.87 -20.39
CA ALA A 76 12.25 21.21 -20.72
C ALA A 76 10.81 21.45 -20.97
N ARG A 77 10.06 20.50 -21.55
CA ARG A 77 8.62 20.72 -21.69
C ARG A 77 7.98 20.85 -20.30
N PHE A 78 8.34 19.98 -19.36
CA PHE A 78 7.78 20.08 -17.99
C PHE A 78 8.11 21.39 -17.29
N THR A 79 9.38 21.72 -17.24
CA THR A 79 9.79 22.90 -16.47
C THR A 79 9.21 24.13 -17.15
N ALA A 80 9.13 24.15 -18.49
CA ALA A 80 8.47 25.27 -19.18
C ALA A 80 7.01 25.43 -18.81
N GLN A 81 6.31 24.32 -18.75
CA GLN A 81 4.93 24.36 -18.45
C GLN A 81 4.68 24.88 -17.04
N ILE A 82 5.43 24.41 -16.08
CA ILE A 82 5.21 24.83 -14.72
C ILE A 82 5.66 26.25 -14.47
N ARG A 83 6.87 26.59 -14.93
CA ARG A 83 7.36 27.97 -14.76
C ARG A 83 6.47 28.96 -15.46
N GLY A 84 5.94 28.64 -16.62
CA GLY A 84 5.07 29.61 -17.30
C GLY A 84 3.73 29.82 -16.63
N ALA A 85 3.23 28.77 -15.96
CA ALA A 85 1.90 28.81 -15.42
C ALA A 85 1.89 29.25 -13.94
N VAL A 86 2.98 29.01 -13.22
CA VAL A 86 3.09 29.40 -11.81
C VAL A 86 4.08 30.61 -11.69
N ASP A 87 3.52 31.80 -11.54
CA ASP A 87 4.32 32.95 -11.31
C ASP A 87 4.58 33.17 -9.83
N LEU A 88 5.77 32.82 -9.36
CA LEU A 88 6.13 32.94 -7.95
C LEU A 88 6.06 34.30 -7.29
N SER A 89 6.16 35.41 -8.06
CA SER A 89 6.05 36.72 -7.49
C SER A 89 4.69 37.01 -6.92
N LEU A 90 3.68 36.24 -7.32
CA LEU A 90 2.35 36.49 -6.84
C LEU A 90 2.17 35.88 -5.46
N TYR A 91 3.15 35.06 -5.02
CA TYR A 91 3.04 34.20 -3.81
C TYR A 91 4.36 34.30 -2.99
N PRO A 92 4.59 35.46 -2.38
CA PRO A 92 5.83 35.73 -1.65
C PRO A 92 6.17 34.63 -0.65
N ARG A 93 7.44 34.21 -0.61
CA ARG A 93 7.93 33.16 0.32
C ARG A 93 8.88 33.65 1.45
N GLU A 94 8.31 34.05 2.57
CA GLU A 94 9.09 34.28 3.79
C GLU A 94 9.51 32.93 4.36
N GLY A 95 10.79 32.85 4.73
CA GLY A 95 11.30 31.82 5.63
C GLY A 95 11.73 30.53 5.00
N GLY A 96 11.80 30.50 3.67
CA GLY A 96 11.92 29.26 2.92
C GLY A 96 10.68 28.38 3.11
N VAL A 97 9.53 29.03 3.34
CA VAL A 97 8.27 28.27 3.48
C VAL A 97 7.25 28.72 2.43
N SER A 98 6.54 27.73 1.84
CA SER A 98 5.52 27.97 0.88
C SER A 98 4.18 28.22 1.49
N SER A 99 3.34 28.91 0.76
CA SER A 99 1.99 29.19 1.23
C SER A 99 0.98 28.22 0.72
N ARG A 100 -0.18 28.13 1.41
CA ARG A 100 -1.25 27.26 0.93
C ARG A 100 -1.72 27.64 -0.46
N GLU A 101 -1.79 28.93 -0.74
CA GLU A 101 -2.26 29.41 -2.07
C GLU A 101 -1.32 28.98 -3.17
N LEU A 102 -0.03 29.02 -2.89
CA LEU A 102 0.96 28.54 -3.87
C LEU A 102 0.83 27.07 -4.13
N VAL A 103 0.67 26.23 -3.07
CA VAL A 103 0.56 24.81 -3.24
C VAL A 103 -0.75 24.53 -4.03
N LYS A 104 -1.83 25.25 -3.72
CA LYS A 104 -3.05 25.05 -4.50
C LYS A 104 -2.86 25.43 -5.97
N LYS A 105 -2.14 26.50 -6.24
CA LYS A 105 -1.87 26.89 -7.61
C LYS A 105 -1.12 25.84 -8.36
N VAL A 106 -0.09 25.25 -7.77
CA VAL A 106 0.64 24.19 -8.44
C VAL A 106 -0.28 22.98 -8.69
N SER A 107 -1.00 22.56 -7.66
CA SER A 107 -1.97 21.50 -7.81
C SER A 107 -2.95 21.77 -8.98
N ASP A 108 -3.48 23.01 -9.07
CA ASP A 108 -4.40 23.42 -10.15
C ASP A 108 -3.75 23.32 -11.53
N VAL A 109 -2.49 23.76 -11.63
CA VAL A 109 -1.77 23.66 -12.90
C VAL A 109 -1.66 22.24 -13.37
N ILE A 110 -1.28 21.31 -12.47
CA ILE A 110 -1.20 19.88 -12.84
C ILE A 110 -2.58 19.39 -13.25
N TRP A 111 -3.57 19.65 -12.41
CA TRP A 111 -4.92 19.12 -12.63
C TRP A 111 -5.50 19.62 -13.89
N ASN A 112 -5.39 20.92 -14.13
CA ASN A 112 -5.97 21.51 -15.33
C ASN A 112 -5.27 21.06 -16.61
N SER A 113 -4.06 20.55 -16.52
CA SER A 113 -3.33 20.00 -17.68
C SER A 113 -3.79 18.60 -18.14
N LEU A 114 -4.53 17.89 -17.32
CA LEU A 114 -4.89 16.53 -17.61
C LEU A 114 -5.99 16.48 -18.69
N SER A 115 -5.98 15.40 -19.46
CA SER A 115 -7.03 15.11 -20.44
C SER A 115 -8.37 15.11 -19.70
N ARG A 116 -9.40 15.61 -20.39
CA ARG A 116 -10.69 15.84 -19.79
C ARG A 116 -11.35 14.53 -19.38
N SER A 117 -11.15 13.50 -20.19
CA SER A 117 -11.79 12.22 -19.97
C SER A 117 -10.81 11.10 -20.28
N TYR A 118 -10.53 10.28 -19.29
CA TYR A 118 -9.71 9.08 -19.52
C TYR A 118 -9.90 8.10 -18.39
N PHE A 119 -9.45 6.85 -18.59
CA PHE A 119 -9.56 5.84 -17.56
C PHE A 119 -8.43 6.00 -16.53
N LYS A 120 -8.76 6.33 -15.29
CA LYS A 120 -7.74 6.67 -14.25
C LYS A 120 -7.11 5.46 -13.60
N ASP A 121 -7.71 4.31 -13.83
CA ASP A 121 -7.27 3.01 -13.31
C ASP A 121 -6.35 2.26 -14.27
N ARG A 122 -5.95 2.91 -15.34
CA ARG A 122 -5.02 2.25 -16.25
CA ARG A 122 -4.95 2.40 -16.30
C ARG A 122 -3.61 2.23 -15.64
N ALA A 123 -2.81 1.24 -16.09
CA ALA A 123 -1.44 1.05 -15.75
C ALA A 123 -0.59 2.07 -16.56
N HIS A 124 0.57 2.36 -16.04
CA HIS A 124 1.61 3.11 -16.72
C HIS A 124 1.30 4.59 -16.90
N ILE A 125 0.43 5.12 -16.09
CA ILE A 125 0.11 6.55 -16.09
C ILE A 125 0.53 7.20 -14.78
N GLN A 126 1.64 6.75 -14.21
CA GLN A 126 2.07 7.20 -12.88
C GLN A 126 3.15 8.28 -12.95
N SER A 127 3.84 8.41 -14.09
CA SER A 127 5.14 9.15 -14.14
C SER A 127 5.00 10.43 -14.84
N LEU A 128 6.01 11.30 -14.73
CA LEU A 128 5.97 12.54 -15.47
C LEU A 128 6.09 12.28 -17.00
N PHE A 129 6.60 11.11 -17.39
CA PHE A 129 6.58 10.75 -18.84
C PHE A 129 5.15 10.68 -19.33
N SER A 130 4.27 10.04 -18.54
CA SER A 130 2.84 10.00 -18.87
C SER A 130 2.17 11.34 -18.83
N PHE A 131 2.48 12.17 -17.87
CA PHE A 131 1.97 13.52 -17.81
C PHE A 131 2.32 14.34 -19.02
N ILE A 132 3.56 14.27 -19.48
CA ILE A 132 3.99 15.10 -20.63
C ILE A 132 3.52 14.52 -21.94
N THR A 133 3.62 13.22 -22.14
CA THR A 133 3.38 12.66 -23.47
C THR A 133 1.90 12.29 -23.67
N GLY A 134 1.20 11.99 -22.58
CA GLY A 134 -0.23 11.57 -22.66
C GLY A 134 -1.20 12.45 -21.92
N THR A 135 -0.71 13.44 -21.17
CA THR A 135 -1.56 14.29 -20.34
C THR A 135 -2.50 13.51 -19.46
N LYS A 136 -1.97 12.43 -18.92
CA LYS A 136 -2.68 11.48 -18.06
C LYS A 136 -1.84 11.12 -16.85
N LEU A 137 -2.51 11.14 -15.68
CA LEU A 137 -1.93 10.64 -14.42
C LEU A 137 -3.02 9.87 -13.62
N ASP A 138 -2.54 8.95 -12.85
CA ASP A 138 -3.34 8.27 -11.83
C ASP A 138 -3.39 9.11 -10.59
N SER A 139 -4.17 8.67 -9.61
CA SER A 139 -4.43 9.50 -8.43
CA SER A 139 -4.46 9.55 -8.51
C SER A 139 -3.24 9.93 -7.71
N SER A 140 -2.41 8.95 -7.32
CA SER A 140 -1.21 9.26 -6.60
C SER A 140 -0.15 9.93 -7.47
N GLY A 141 -0.18 9.67 -8.77
CA GLY A 141 0.70 10.29 -9.72
C GLY A 141 0.49 11.83 -9.78
N VAL A 142 -0.73 12.29 -9.56
CA VAL A 142 -0.98 13.74 -9.48
C VAL A 142 -0.23 14.34 -8.29
N ALA A 143 -0.30 13.68 -7.12
CA ALA A 143 0.41 14.19 -5.93
C ALA A 143 1.89 14.22 -6.17
N PHE A 144 2.47 13.13 -6.76
CA PHE A 144 3.86 13.17 -7.05
C PHE A 144 4.29 14.27 -8.01
N ALA A 145 3.46 14.49 -9.02
CA ALA A 145 3.71 15.54 -9.95
C ALA A 145 3.66 16.93 -9.32
N VAL A 146 2.77 17.14 -8.39
CA VAL A 146 2.72 18.41 -7.68
C VAL A 146 4.07 18.58 -6.93
N VAL A 147 4.58 17.52 -6.29
CA VAL A 147 5.82 17.63 -5.55
C VAL A 147 7.00 17.84 -6.51
N GLY A 148 6.95 17.20 -7.65
CA GLY A 148 8.01 17.42 -8.66
C GLY A 148 8.04 18.81 -9.20
N ALA A 149 6.86 19.35 -9.43
CA ALA A 149 6.73 20.71 -9.93
C ALA A 149 7.20 21.69 -8.89
N CYS A 150 6.84 21.46 -7.61
CA CYS A 150 7.33 22.32 -6.53
C CYS A 150 8.85 22.32 -6.42
N GLN A 151 9.47 21.15 -6.56
CA GLN A 151 10.95 21.10 -6.58
C GLN A 151 11.50 21.88 -7.72
N ALA A 152 10.88 21.77 -8.89
CA ALA A 152 11.32 22.53 -10.09
C ALA A 152 11.26 24.05 -9.87
N LEU A 153 10.31 24.48 -9.05
CA LEU A 153 10.11 25.87 -8.67
C LEU A 153 11.00 26.34 -7.51
N GLY A 154 11.80 25.44 -6.92
CA GLY A 154 12.62 25.74 -5.76
C GLY A 154 11.98 25.72 -4.39
N LEU A 155 10.84 25.02 -4.31
CA LEU A 155 10.04 25.04 -3.11
C LEU A 155 10.46 23.83 -2.24
N ARG A 156 11.54 24.01 -1.51
CA ARG A 156 12.20 22.91 -0.87
C ARG A 156 11.33 22.29 0.25
N ASP A 157 10.35 23.05 0.78
CA ASP A 157 9.56 22.59 1.91
C ASP A 157 8.39 21.73 1.52
N VAL A 158 8.08 21.64 0.22
CA VAL A 158 6.91 20.85 -0.26
C VAL A 158 7.29 19.39 -0.43
N HIS A 159 6.61 18.50 0.30
CA HIS A 159 6.95 17.10 0.29
C HIS A 159 5.74 16.21 0.12
N LEU A 160 5.96 15.01 -0.32
CA LEU A 160 4.87 14.05 -0.45
C LEU A 160 4.54 13.41 0.90
N ALA A 161 3.24 13.32 1.14
CA ALA A 161 2.72 12.58 2.31
C ALA A 161 1.97 11.37 1.77
N LEU A 162 2.13 10.24 2.47
CA LEU A 162 1.54 8.99 1.98
C LEU A 162 0.91 8.28 3.12
N SER A 163 -0.31 7.85 2.91
CA SER A 163 -0.89 6.75 3.76
C SER A 163 -0.79 5.44 3.01
N GLU A 164 -1.56 4.44 3.42
CA GLU A 164 -1.46 3.15 2.76
C GLU A 164 -2.35 3.13 1.50
N ASP A 165 -3.17 4.18 1.27
CA ASP A 165 -4.10 4.21 0.10
C ASP A 165 -4.34 5.58 -0.45
N HIS A 166 -3.55 6.57 -0.03
CA HIS A 166 -3.74 7.96 -0.51
C HIS A 166 -2.43 8.72 -0.38
N ALA A 167 -2.37 9.83 -1.09
CA ALA A 167 -1.27 10.75 -1.17
C ALA A 167 -1.71 12.22 -1.13
N TRP A 168 -0.89 13.04 -0.50
CA TRP A 168 -1.14 14.51 -0.41
C TRP A 168 0.19 15.17 -0.22
N VAL A 169 0.20 16.43 0.19
CA VAL A 169 1.46 17.11 0.42
C VAL A 169 1.53 17.73 1.79
N VAL A 170 2.75 17.86 2.30
CA VAL A 170 3.03 18.64 3.48
C VAL A 170 3.97 19.76 3.11
N PHE A 171 3.88 20.88 3.85
CA PHE A 171 4.63 22.07 3.49
C PHE A 171 4.66 23.00 4.71
N GLY A 172 5.31 24.13 4.53
CA GLY A 172 4.93 25.34 5.31
C GLY A 172 5.86 25.44 6.49
N PRO A 173 5.53 26.34 7.46
CA PRO A 173 6.31 26.46 8.66
C PRO A 173 6.54 25.16 9.34
N ASN A 174 7.83 24.82 9.53
CA ASN A 174 8.24 23.55 10.10
C ASN A 174 7.73 22.31 9.36
N GLY A 175 7.19 22.41 8.15
CA GLY A 175 6.63 21.19 7.50
C GLY A 175 5.28 20.70 8.05
N GLU A 176 4.61 21.56 8.77
CA GLU A 176 3.44 21.13 9.55
C GLU A 176 2.11 21.21 8.87
N GLN A 177 2.04 21.97 7.78
CA GLN A 177 0.83 22.11 7.02
C GLN A 177 0.63 20.93 6.10
N THR A 178 -0.68 20.58 5.97
CA THR A 178 -1.07 19.51 5.00
C THR A 178 -1.96 20.12 3.93
N ALA A 179 -1.88 19.59 2.72
CA ALA A 179 -2.86 19.92 1.68
C ALA A 179 -3.20 18.77 0.79
N GLU A 180 -4.48 18.58 0.56
CA GLU A 180 -4.99 17.65 -0.47
C GLU A 180 -4.66 18.24 -1.83
N VAL A 181 -4.13 17.39 -2.72
CA VAL A 181 -3.80 17.84 -4.07
C VAL A 181 -4.33 16.98 -5.16
N THR A 182 -4.93 15.84 -4.86
CA THR A 182 -5.42 14.91 -5.80
C THR A 182 -6.75 14.33 -5.32
N TRP A 183 -7.38 13.47 -6.10
CA TRP A 183 -8.60 12.79 -5.76
C TRP A 183 -8.28 11.47 -5.08
N HIS A 184 -9.29 10.94 -4.38
CA HIS A 184 -9.22 9.58 -3.87
C HIS A 184 -10.41 8.74 -4.21
N GLY A 185 -10.19 7.56 -4.74
CA GLY A 185 -11.24 6.65 -5.01
C GLY A 185 -12.07 7.14 -6.19
N LYS A 186 -13.33 6.79 -6.18
CA LYS A 186 -14.15 6.82 -7.40
C LYS A 186 -15.50 7.17 -6.88
N GLY A 187 -16.04 8.27 -7.38
CA GLY A 187 -17.34 8.79 -6.89
C GLY A 187 -17.23 9.34 -5.47
N ASN A 188 -16.00 9.60 -5.06
CA ASN A 188 -15.71 10.28 -3.81
C ASN A 188 -15.68 11.77 -4.15
N GLU A 189 -15.80 12.58 -3.11
CA GLU A 189 -15.86 14.01 -3.21
C GLU A 189 -14.52 14.60 -2.91
N ASP A 190 -14.02 15.35 -3.90
CA ASP A 190 -12.71 16.06 -3.95
C ASP A 190 -12.55 17.13 -2.81
N ARG A 191 -11.42 17.10 -2.07
CA ARG A 191 -11.14 18.04 -0.95
C ARG A 191 -9.85 18.86 -1.23
N ARG A 192 -9.53 19.09 -2.52
CA ARG A 192 -8.26 19.67 -2.88
C ARG A 192 -8.11 21.06 -2.22
N GLY A 193 -6.94 21.30 -1.67
CA GLY A 193 -6.69 22.50 -0.91
C GLY A 193 -6.86 22.39 0.57
N GLN A 194 -7.65 21.43 1.04
CA GLN A 194 -7.99 21.31 2.44
C GLN A 194 -6.86 20.56 3.14
N THR A 195 -6.83 20.71 4.46
CA THR A 195 -5.95 19.92 5.32
C THR A 195 -6.49 18.49 5.39
N VAL A 196 -5.71 17.63 5.99
CA VAL A 196 -6.14 16.30 6.32
C VAL A 196 -6.64 16.14 7.77
N ASN A 197 -6.79 17.24 8.49
CA ASN A 197 -7.09 17.13 9.89
C ASN A 197 -8.41 16.49 10.27
N ALA A 198 -9.46 16.67 9.48
CA ALA A 198 -10.71 15.98 9.79
C ALA A 198 -10.60 14.51 9.65
N GLY A 199 -9.86 14.06 8.63
CA GLY A 199 -9.61 12.63 8.46
C GLY A 199 -8.80 12.00 9.54
N VAL A 200 -7.80 12.73 10.05
CA VAL A 200 -6.98 12.23 11.17
C VAL A 200 -7.91 12.16 12.39
N ALA A 201 -8.68 13.23 12.64
CA ALA A 201 -9.58 13.30 13.79
C ALA A 201 -10.63 12.25 13.83
N GLU A 202 -11.08 11.81 12.65
CA GLU A 202 -12.13 10.75 12.49
C GLU A 202 -11.57 9.32 12.82
N ARG A 203 -10.26 9.19 12.88
CA ARG A 203 -9.59 7.94 13.13
C ARG A 203 -9.86 6.92 11.99
N SER A 204 -9.98 7.44 10.73
CA SER A 204 -10.05 6.54 9.58
C SER A 204 -8.75 5.88 9.24
N TRP A 205 -8.82 4.70 8.65
CA TRP A 205 -7.62 4.11 8.11
C TRP A 205 -6.94 4.97 7.08
N LEU A 206 -7.71 5.69 6.26
CA LEU A 206 -7.08 6.42 5.16
C LEU A 206 -6.03 7.45 5.61
N TYR A 207 -6.19 8.02 6.81
CA TYR A 207 -5.23 9.02 7.31
C TYR A 207 -4.35 8.51 8.50
N LEU A 208 -4.50 7.24 8.83
CA LEU A 208 -3.62 6.53 9.71
C LEU A 208 -3.51 7.16 11.11
N LYS A 209 -4.57 7.85 11.55
CA LYS A 209 -4.57 8.51 12.84
C LYS A 209 -3.41 9.52 12.93
N GLY A 210 -2.95 9.98 11.80
CA GLY A 210 -1.82 10.88 11.74
C GLY A 210 -0.44 10.27 11.60
N SER A 211 -0.40 8.93 11.66
CA SER A 211 0.87 8.17 11.60
C SER A 211 1.15 7.79 10.14
N TYR A 212 1.01 8.77 9.27
CA TYR A 212 1.36 8.65 7.84
C TYR A 212 2.81 9.04 7.56
N MET A 213 3.28 8.66 6.37
CA MET A 213 4.64 8.95 5.95
C MET A 213 4.79 10.38 5.47
N ARG A 214 5.75 11.06 6.01
CA ARG A 214 6.15 12.44 5.60
C ARG A 214 7.51 12.29 4.88
N CYS A 215 7.47 12.31 3.57
CA CYS A 215 8.66 11.96 2.79
C CYS A 215 9.68 13.12 2.83
N ASP A 216 10.96 12.78 2.83
CA ASP A 216 11.99 13.68 2.35
C ASP A 216 12.22 13.37 0.85
N ARG A 217 13.11 14.10 0.19
CA ARG A 217 13.29 13.90 -1.21
C ARG A 217 13.78 12.50 -1.52
N LYS A 218 14.54 11.91 -0.64
CA LYS A 218 15.01 10.53 -0.95
C LYS A 218 13.89 9.47 -0.86
N MET A 219 12.95 9.66 0.08
CA MET A 219 11.77 8.83 0.16
C MET A 219 10.82 9.06 -1.03
N GLU A 220 10.83 10.26 -1.60
CA GLU A 220 10.08 10.52 -2.83
C GLU A 220 10.65 9.73 -4.01
N VAL A 221 11.99 9.62 -4.05
CA VAL A 221 12.59 8.72 -4.95
C VAL A 221 12.18 7.28 -4.74
N ALA A 222 12.14 6.83 -3.50
CA ALA A 222 11.61 5.49 -3.20
C ALA A 222 10.19 5.32 -3.68
N PHE A 223 9.34 6.33 -3.51
CA PHE A 223 7.96 6.23 -4.01
C PHE A 223 7.88 5.98 -5.49
N MET A 224 8.69 6.72 -6.29
CA MET A 224 8.65 6.54 -7.70
C MET A 224 9.10 5.18 -8.17
N VAL A 225 10.05 4.67 -7.40
CA VAL A 225 10.54 3.31 -7.65
C VAL A 225 9.48 2.25 -7.31
N CYS A 226 8.83 2.38 -6.15
CA CYS A 226 7.66 1.54 -5.89
C CYS A 226 6.55 1.69 -6.92
N ALA A 227 6.42 2.86 -7.57
CA ALA A 227 5.40 3.12 -8.54
C ALA A 227 5.71 2.50 -9.92
N ILE A 228 6.92 2.02 -10.17
CA ILE A 228 7.20 1.30 -11.37
C ILE A 228 6.17 0.17 -11.47
N ASN A 229 5.63 -0.01 -12.64
CA ASN A 229 4.66 -1.06 -12.93
C ASN A 229 5.18 -2.01 -14.04
N PRO A 230 5.71 -3.15 -13.61
CA PRO A 230 6.22 -4.08 -14.61
C PRO A 230 5.21 -4.79 -15.46
N SER A 231 3.91 -4.65 -15.19
CA SER A 231 2.88 -5.41 -15.93
C SER A 231 2.83 -4.99 -17.39
N ILE A 232 2.94 -5.98 -18.28
CA ILE A 232 2.74 -5.81 -19.69
C ILE A 232 1.27 -6.07 -19.98
N ASP A 233 0.76 -7.15 -19.40
CA ASP A 233 -0.66 -7.36 -19.38
C ASP A 233 -0.95 -8.17 -18.14
N LEU A 234 -2.20 -8.60 -17.99
CA LEU A 234 -2.60 -9.37 -16.78
C LEU A 234 -1.81 -10.66 -16.46
N HIS A 235 -1.12 -11.27 -17.43
CA HIS A 235 -0.34 -12.51 -17.17
C HIS A 235 1.14 -12.47 -17.45
N THR A 236 1.66 -11.31 -17.88
CA THR A 236 3.07 -11.17 -18.17
C THR A 236 3.61 -9.91 -17.51
N ASP A 237 4.75 -10.03 -16.83
CA ASP A 237 5.51 -8.89 -16.38
C ASP A 237 6.76 -8.77 -17.16
N SER A 238 7.26 -7.53 -17.28
CA SER A 238 8.58 -7.28 -17.84
C SER A 238 9.68 -7.72 -16.85
N LEU A 239 10.52 -8.65 -17.27
CA LEU A 239 11.64 -9.05 -16.39
C LEU A 239 12.62 -7.90 -16.14
N GLU A 240 12.84 -7.06 -17.16
CA GLU A 240 13.76 -5.93 -17.13
C GLU A 240 13.27 -4.94 -16.06
N LEU A 241 11.98 -4.65 -16.09
CA LEU A 241 11.44 -3.69 -15.13
C LEU A 241 11.40 -4.28 -13.71
N LEU A 242 11.09 -5.57 -13.57
CA LEU A 242 11.21 -6.20 -12.26
C LEU A 242 12.62 -6.09 -11.75
N GLN A 243 13.60 -6.38 -12.59
CA GLN A 243 15.00 -6.25 -12.23
C GLN A 243 15.38 -4.85 -11.84
N LEU A 244 14.97 -3.88 -12.63
CA LEU A 244 15.28 -2.48 -12.37
C LEU A 244 14.70 -2.09 -11.01
N GLN A 245 13.41 -2.36 -10.77
CA GLN A 245 12.78 -2.04 -9.52
C GLN A 245 13.54 -2.63 -8.37
N GLN A 246 13.93 -3.90 -8.52
CA GLN A 246 14.58 -4.64 -7.45
C GLN A 246 15.94 -4.02 -7.17
N LYS A 247 16.74 -3.72 -8.22
CA LYS A 247 18.03 -3.03 -8.03
C LYS A 247 17.96 -1.64 -7.42
N LEU A 248 16.95 -0.88 -7.84
CA LEU A 248 16.75 0.42 -7.30
C LEU A 248 16.32 0.37 -5.83
N LEU A 249 15.47 -0.56 -5.49
CA LEU A 249 15.08 -0.76 -4.07
C LEU A 249 16.30 -1.17 -3.20
N TRP A 250 17.16 -1.98 -3.75
CA TRP A 250 18.31 -2.33 -2.97
C TRP A 250 19.25 -1.15 -2.81
N LEU A 251 19.40 -0.33 -3.85
CA LEU A 251 20.21 0.93 -3.75
C LEU A 251 19.69 1.82 -2.63
N LEU A 252 18.39 2.02 -2.60
CA LEU A 252 17.71 2.85 -1.61
C LEU A 252 17.86 2.24 -0.24
N TYR A 253 17.74 0.92 -0.14
CA TYR A 253 17.86 0.23 1.11
C TYR A 253 19.25 0.46 1.71
N ASP A 254 20.27 0.35 0.86
CA ASP A 254 21.64 0.43 1.32
C ASP A 254 21.99 1.79 1.83
N LEU A 255 21.35 2.79 1.28
CA LEU A 255 21.54 4.20 1.62
C LEU A 255 20.72 4.65 2.78
N GLY A 256 19.86 3.78 3.30
CA GLY A 256 18.97 4.10 4.42
C GLY A 256 17.64 4.68 4.12
N HIS A 257 17.25 4.77 2.86
CA HIS A 257 16.07 5.48 2.47
C HIS A 257 14.81 4.67 2.49
N LEU A 258 14.91 3.37 2.82
CA LEU A 258 13.69 2.58 3.09
C LEU A 258 13.40 2.39 4.57
N GLU A 259 14.21 2.98 5.42
CA GLU A 259 14.08 2.75 6.87
C GLU A 259 12.71 3.13 7.39
N ARG A 260 12.10 4.18 6.80
CA ARG A 260 10.78 4.69 7.26
C ARG A 260 9.71 4.38 6.23
N TYR A 261 9.91 3.34 5.43
CA TYR A 261 8.96 3.03 4.31
C TYR A 261 8.55 1.56 4.33
N PRO A 262 7.68 1.17 5.24
CA PRO A 262 7.31 -0.24 5.37
C PRO A 262 6.85 -0.93 4.08
N MET A 263 6.00 -0.29 3.29
CA MET A 263 5.46 -0.90 2.09
C MET A 263 6.55 -1.22 1.07
N ALA A 264 7.58 -0.35 1.02
CA ALA A 264 8.68 -0.56 0.10
C ALA A 264 9.48 -1.79 0.50
N LEU A 265 9.68 -2.04 1.82
CA LEU A 265 10.37 -3.22 2.31
C LEU A 265 9.60 -4.49 2.01
N GLY A 266 8.26 -4.36 2.09
CA GLY A 266 7.42 -5.45 1.67
C GLY A 266 7.51 -5.72 0.18
N ASN A 267 7.49 -4.68 -0.63
CA ASN A 267 7.62 -4.85 -2.08
C ASN A 267 8.95 -5.48 -2.37
N LEU A 268 10.00 -5.04 -1.73
CA LEU A 268 11.29 -5.65 -1.97
C LEU A 268 11.31 -7.14 -1.58
N ALA A 269 10.72 -7.50 -0.45
CA ALA A 269 10.66 -8.87 -0.04
C ALA A 269 9.94 -9.75 -1.09
N ASP A 270 8.85 -9.18 -1.64
CA ASP A 270 8.12 -9.89 -2.67
C ASP A 270 8.97 -10.11 -3.91
N LEU A 271 9.74 -9.13 -4.31
CA LEU A 271 10.65 -9.31 -5.45
C LEU A 271 11.72 -10.36 -5.17
N GLU A 272 12.28 -10.37 -3.97
CA GLU A 272 13.27 -11.39 -3.58
C GLU A 272 12.70 -12.77 -3.56
N GLU A 273 11.43 -12.91 -3.22
CA GLU A 273 10.78 -14.23 -3.28
C GLU A 273 10.75 -14.76 -4.72
N LEU A 274 10.43 -13.89 -5.66
CA LEU A 274 10.37 -14.22 -7.07
C LEU A 274 11.80 -14.53 -7.62
N GLU A 275 12.79 -13.70 -7.25
CA GLU A 275 14.12 -13.88 -7.81
C GLU A 275 15.16 -13.42 -6.79
N PRO A 276 15.67 -14.34 -5.97
CA PRO A 276 16.50 -13.83 -4.89
C PRO A 276 17.87 -13.31 -5.37
N THR A 277 18.33 -12.26 -4.74
CA THR A 277 19.61 -11.63 -5.02
C THR A 277 20.63 -12.31 -4.07
N PRO A 278 21.71 -12.95 -4.62
CA PRO A 278 22.68 -13.62 -3.73
C PRO A 278 23.29 -12.62 -2.74
N GLY A 279 23.38 -13.07 -1.50
CA GLY A 279 23.98 -12.33 -0.43
C GLY A 279 23.06 -11.38 0.29
N ARG A 280 21.81 -11.33 -0.12
CA ARG A 280 20.86 -10.39 0.52
C ARG A 280 19.97 -11.10 1.54
N PRO A 281 19.31 -10.35 2.44
CA PRO A 281 18.38 -10.90 3.40
C PRO A 281 17.27 -11.66 2.73
N ASP A 282 16.75 -12.69 3.40
CA ASP A 282 15.65 -13.48 2.89
C ASP A 282 14.37 -12.62 2.92
N PRO A 283 13.38 -12.99 2.10
CA PRO A 283 12.08 -12.34 2.21
C PRO A 283 11.55 -12.21 3.61
N LEU A 284 11.54 -13.27 4.39
CA LEU A 284 11.01 -13.13 5.75
C LEU A 284 11.70 -12.08 6.54
N THR A 285 13.02 -11.99 6.50
CA THR A 285 13.78 -10.92 7.15
C THR A 285 13.25 -9.50 6.76
N LEU A 286 13.00 -9.33 5.48
CA LEU A 286 12.55 -8.07 4.93
C LEU A 286 11.12 -7.82 5.39
N TYR A 287 10.20 -8.80 5.36
CA TYR A 287 8.88 -8.56 5.91
C TYR A 287 8.94 -8.16 7.35
N HIS A 288 9.79 -8.83 8.13
CA HIS A 288 9.89 -8.41 9.54
C HIS A 288 10.53 -7.02 9.72
N LYS A 289 11.47 -6.63 8.84
CA LYS A 289 11.95 -5.27 8.84
C LYS A 289 10.89 -4.21 8.56
N GLY A 290 9.99 -4.53 7.63
CA GLY A 290 8.86 -3.67 7.38
C GLY A 290 7.96 -3.46 8.57
N ILE A 291 7.64 -4.59 9.27
CA ILE A 291 6.82 -4.51 10.46
C ILE A 291 7.58 -3.67 11.55
N ALA A 292 8.89 -3.90 11.70
CA ALA A 292 9.68 -3.14 12.66
C ALA A 292 9.71 -1.65 12.34
N SER A 293 9.74 -1.31 11.07
CA SER A 293 9.69 0.09 10.63
C SER A 293 8.36 0.73 11.01
N ALA A 294 7.24 -0.03 10.83
CA ALA A 294 5.94 0.51 11.22
C ALA A 294 5.85 0.70 12.72
N LYS A 295 6.41 -0.24 13.51
CA LYS A 295 6.36 -0.12 14.97
C LYS A 295 7.24 1.05 15.46
N THR A 296 8.38 1.23 14.83
CA THR A 296 9.38 2.25 15.21
C THR A 296 8.95 3.66 14.86
N TYR A 297 8.45 3.83 13.65
CA TYR A 297 8.13 5.14 13.14
C TYR A 297 6.69 5.55 13.10
N TYR A 298 5.78 4.59 13.08
CA TYR A 298 4.41 4.89 12.86
C TYR A 298 3.49 4.30 13.89
N ARG A 299 3.98 4.08 15.11
CA ARG A 299 3.15 3.67 16.25
C ARG A 299 2.50 2.33 16.05
N ASP A 300 3.03 1.50 15.13
CA ASP A 300 2.38 0.23 14.78
C ASP A 300 0.95 0.45 14.33
N GLU A 301 0.71 1.47 13.50
CA GLU A 301 -0.61 1.80 13.09
C GLU A 301 -0.89 1.43 11.62
N HIS A 302 0.05 0.71 10.98
CA HIS A 302 -0.10 0.33 9.55
C HIS A 302 -0.56 -1.10 9.41
N ILE A 303 -1.43 -1.34 8.44
CA ILE A 303 -1.96 -2.69 8.19
C ILE A 303 -1.13 -3.52 7.22
N TYR A 304 -0.64 -2.90 6.15
CA TYR A 304 0.01 -3.65 5.11
C TYR A 304 1.30 -4.38 5.52
N PRO A 305 2.06 -3.93 6.54
CA PRO A 305 3.26 -4.74 6.88
C PRO A 305 2.86 -6.21 7.25
N TYR A 306 1.79 -6.37 7.99
CA TYR A 306 1.30 -7.68 8.37
C TYR A 306 0.62 -8.40 7.20
N MET A 307 -0.12 -7.67 6.37
CA MET A 307 -0.68 -8.29 5.16
CA MET A 307 -0.69 -8.31 5.18
C MET A 307 0.37 -8.86 4.23
N TYR A 308 1.45 -8.08 4.03
CA TYR A 308 2.60 -8.56 3.26
C TYR A 308 3.11 -9.89 3.82
N LEU A 309 3.34 -9.90 5.13
CA LEU A 309 3.81 -11.11 5.79
C LEU A 309 2.84 -12.29 5.66
N ALA A 310 1.56 -12.00 5.94
CA ALA A 310 0.54 -13.02 5.86
C ALA A 310 0.48 -13.64 4.43
N GLY A 311 0.56 -12.81 3.42
CA GLY A 311 0.52 -13.29 2.04
C GLY A 311 1.66 -14.20 1.70
N TYR A 312 2.84 -13.87 2.19
CA TYR A 312 3.99 -14.75 1.97
C TYR A 312 3.75 -16.13 2.59
N HIS A 313 3.23 -16.14 3.82
CA HIS A 313 2.97 -17.40 4.48
C HIS A 313 1.87 -18.15 3.79
N CYS A 314 0.87 -17.44 3.34
CA CYS A 314 -0.26 -18.07 2.63
C CYS A 314 0.24 -18.75 1.34
N ARG A 315 1.04 -18.04 0.57
CA ARG A 315 1.58 -18.60 -0.70
C ARG A 315 2.43 -19.82 -0.47
N ASN A 316 3.09 -19.85 0.68
CA ASN A 316 3.93 -20.94 1.03
C ASN A 316 3.23 -21.99 1.85
N ARG A 317 1.91 -21.84 1.99
CA ARG A 317 1.04 -22.81 2.73
C ARG A 317 1.49 -23.05 4.17
N ASN A 318 1.98 -21.97 4.79
CA ASN A 318 2.40 -21.90 6.16
CA ASN A 318 2.28 -22.00 6.19
C ASN A 318 1.10 -21.49 6.92
N VAL A 319 0.14 -22.37 7.17
CA VAL A 319 -1.16 -21.96 7.72
C VAL A 319 -1.05 -21.25 9.07
N ARG A 320 -0.31 -21.89 10.00
CA ARG A 320 -0.09 -21.27 11.29
C ARG A 320 0.40 -19.81 11.26
N GLU A 321 1.45 -19.59 10.50
CA GLU A 321 2.08 -18.30 10.47
C GLU A 321 1.22 -17.31 9.67
N ALA A 322 0.47 -17.74 8.64
CA ALA A 322 -0.47 -16.86 7.96
C ALA A 322 -1.51 -16.40 8.89
N LEU A 323 -2.16 -17.33 9.61
CA LEU A 323 -3.20 -16.97 10.55
C LEU A 323 -2.65 -15.98 11.61
N GLN A 324 -1.47 -16.28 12.12
CA GLN A 324 -0.85 -15.37 13.11
C GLN A 324 -0.73 -13.94 12.55
N ALA A 325 -0.23 -13.84 11.32
CA ALA A 325 -0.05 -12.55 10.71
C ALA A 325 -1.36 -11.82 10.39
N TRP A 326 -2.38 -12.58 9.96
CA TRP A 326 -3.70 -11.92 9.79
C TRP A 326 -4.30 -11.53 11.10
N ALA A 327 -4.10 -12.31 12.16
CA ALA A 327 -4.49 -11.89 13.52
C ALA A 327 -3.83 -10.59 13.88
N ASP A 328 -2.57 -10.45 13.59
CA ASP A 328 -1.86 -9.21 13.88
C ASP A 328 -2.38 -8.06 13.03
N THR A 329 -2.81 -8.30 11.80
CA THR A 329 -3.47 -7.30 10.96
C THR A 329 -4.69 -6.75 11.65
N ALA A 330 -5.50 -7.69 12.17
CA ALA A 330 -6.72 -7.30 12.86
C ALA A 330 -6.53 -6.59 14.18
N THR A 331 -5.40 -6.88 14.81
CA THR A 331 -5.07 -6.21 16.09
C THR A 331 -4.70 -4.74 15.84
N VAL A 332 -4.20 -4.42 14.62
CA VAL A 332 -4.00 -3.05 14.24
C VAL A 332 -5.31 -2.35 13.89
N ILE A 333 -6.17 -2.96 13.06
CA ILE A 333 -7.33 -2.30 12.61
C ILE A 333 -8.35 -2.02 13.73
N GLN A 334 -8.26 -2.79 14.81
CA GLN A 334 -9.27 -2.70 15.88
C GLN A 334 -9.36 -1.32 16.48
N ASP A 335 -8.26 -0.55 16.41
CA ASP A 335 -8.20 0.74 16.99
C ASP A 335 -8.48 1.85 16.00
N TYR A 336 -9.06 1.53 14.86
CA TYR A 336 -9.53 2.49 13.89
C TYR A 336 -11.04 2.55 13.87
N ASN A 337 -11.61 3.58 13.30
CA ASN A 337 -13.03 3.64 12.95
C ASN A 337 -13.17 3.45 11.50
N TYR A 338 -14.11 2.58 11.07
CA TYR A 338 -14.36 2.33 9.65
C TYR A 338 -15.15 3.46 9.04
N CYS A 339 -14.52 4.23 8.16
CA CYS A 339 -15.08 5.44 7.58
C CYS A 339 -15.27 5.30 6.06
N ARG A 340 -15.97 6.28 5.52
CA ARG A 340 -16.43 6.30 4.14
C ARG A 340 -15.46 6.06 2.98
N GLU A 341 -14.23 6.37 3.13
CA GLU A 341 -13.26 6.24 2.05
C GLU A 341 -12.23 5.18 2.44
N ASP A 342 -12.55 4.33 3.40
CA ASP A 342 -11.65 3.21 3.82
C ASP A 342 -12.03 1.91 3.11
N GLU A 343 -12.81 1.96 2.04
CA GLU A 343 -13.28 0.71 1.45
C GLU A 343 -12.20 -0.23 0.96
N GLU A 344 -11.04 0.23 0.59
CA GLU A 344 -10.06 -0.70 0.11
C GLU A 344 -9.63 -1.67 1.22
N ILE A 345 -9.51 -1.18 2.45
CA ILE A 345 -9.08 -2.07 3.50
C ILE A 345 -10.22 -3.01 3.93
N TYR A 346 -11.45 -2.55 3.85
CA TYR A 346 -12.63 -3.42 4.07
C TYR A 346 -12.52 -4.54 3.05
N LYS A 347 -12.29 -4.24 1.78
CA LYS A 347 -12.21 -5.26 0.74
C LYS A 347 -11.10 -6.24 1.06
N GLU A 348 -9.98 -5.76 1.57
CA GLU A 348 -8.92 -6.65 1.93
C GLU A 348 -9.28 -7.62 3.06
N PHE A 349 -9.85 -7.13 4.13
CA PHE A 349 -10.23 -8.00 5.21
C PHE A 349 -11.34 -8.97 4.76
N PHE A 350 -12.30 -8.47 3.92
CA PHE A 350 -13.41 -9.31 3.40
C PHE A 350 -12.87 -10.50 2.64
N GLU A 351 -11.89 -10.24 1.76
CA GLU A 351 -11.30 -11.28 0.95
C GLU A 351 -10.54 -12.25 1.83
N VAL A 352 -9.83 -11.79 2.87
CA VAL A 352 -9.12 -12.72 3.75
C VAL A 352 -10.07 -13.64 4.52
N ALA A 353 -11.11 -13.05 5.09
CA ALA A 353 -12.08 -13.77 5.87
C ALA A 353 -12.91 -14.73 5.10
N ASN A 354 -13.32 -14.28 3.91
CA ASN A 354 -14.36 -14.90 3.18
C ASN A 354 -13.92 -15.67 1.93
N ASP A 355 -12.67 -15.63 1.61
CA ASP A 355 -12.07 -16.40 0.48
C ASP A 355 -10.74 -17.09 0.83
N VAL A 356 -9.79 -16.28 1.27
CA VAL A 356 -8.42 -16.79 1.42
C VAL A 356 -8.35 -17.77 2.57
N ILE A 357 -8.80 -17.39 3.77
CA ILE A 357 -8.79 -18.30 4.92
C ILE A 357 -9.62 -19.57 4.65
N PRO A 358 -10.84 -19.45 4.10
CA PRO A 358 -11.58 -20.64 3.81
C PRO A 358 -10.85 -21.62 2.89
N ASN A 359 -10.19 -21.09 1.86
CA ASN A 359 -9.47 -21.97 0.91
CA ASN A 359 -9.46 -21.94 0.91
C ASN A 359 -8.29 -22.61 1.58
N LEU A 360 -7.59 -21.87 2.39
CA LEU A 360 -6.47 -22.46 3.12
C LEU A 360 -6.90 -23.58 4.04
N LEU A 361 -7.97 -23.36 4.80
CA LEU A 361 -8.48 -24.32 5.73
C LEU A 361 -9.06 -25.54 5.02
N LYS A 362 -9.67 -25.34 3.86
CA LYS A 362 -10.22 -26.47 3.06
C LYS A 362 -9.08 -27.36 2.65
N GLU A 363 -7.99 -26.81 2.15
CA GLU A 363 -6.87 -27.65 1.81
C GLU A 363 -6.28 -28.31 3.03
N ALA A 364 -6.16 -27.53 4.13
CA ALA A 364 -5.63 -28.16 5.35
C ALA A 364 -6.49 -29.32 5.80
N ALA A 365 -7.82 -29.26 5.59
CA ALA A 365 -8.71 -30.32 5.99
C ALA A 365 -8.47 -31.58 5.12
N SER A 366 -8.23 -31.38 3.84
CA SER A 366 -7.88 -32.53 3.02
C SER A 366 -6.55 -33.12 3.42
N LEU A 367 -5.55 -32.28 3.74
CA LEU A 367 -4.22 -32.84 4.08
C LEU A 367 -4.26 -33.53 5.44
N LEU A 368 -5.09 -33.02 6.37
CA LEU A 368 -5.32 -33.72 7.64
C LEU A 368 -5.93 -35.08 7.45
N GLU A 369 -6.91 -35.16 6.56
CA GLU A 369 -7.49 -36.46 6.21
C GLU A 369 -6.45 -37.41 5.67
N ALA A 370 -5.47 -36.85 4.98
CA ALA A 370 -4.36 -37.60 4.39
C ALA A 370 -3.28 -37.95 5.42
N GLY A 371 -3.46 -37.56 6.68
CA GLY A 371 -2.47 -37.90 7.69
C GLY A 371 -1.39 -36.92 8.07
N SER A 372 -1.56 -35.66 7.67
CA SER A 372 -0.54 -34.66 8.01
C SER A 372 -0.38 -34.51 9.52
N GLN A 373 0.86 -34.28 9.93
CA GLN A 373 1.22 -34.09 11.33
C GLN A 373 1.58 -32.63 11.58
N GLY A 374 1.26 -32.15 12.78
CA GLY A 374 1.51 -30.78 13.13
C GLY A 374 0.57 -29.83 12.40
N SER A 375 -0.56 -30.38 11.90
CA SER A 375 -1.53 -29.53 11.18
C SER A 375 -2.01 -28.33 12.00
N ALA A 376 -2.19 -27.19 11.32
CA ALA A 376 -2.77 -26.05 11.94
C ALA A 376 -4.12 -26.44 12.50
N LEU A 377 -4.87 -27.35 11.88
CA LEU A 377 -6.26 -27.65 12.32
C LEU A 377 -6.28 -28.44 13.64
N GLN A 378 -5.13 -28.95 14.04
CA GLN A 378 -4.95 -29.64 15.36
C GLN A 378 -4.20 -28.80 16.35
N ASP A 379 -3.89 -27.55 16.00
CA ASP A 379 -3.17 -26.67 16.85
C ASP A 379 -4.10 -25.64 17.46
N PRO A 380 -4.39 -25.71 18.75
CA PRO A 380 -5.24 -24.73 19.36
C PRO A 380 -4.71 -23.28 19.24
N GLU A 381 -3.40 -23.08 19.13
CA GLU A 381 -2.86 -21.72 18.91
CA GLU A 381 -2.87 -21.72 18.92
C GLU A 381 -3.38 -21.14 17.58
N CYS A 382 -3.54 -21.97 16.57
CA CYS A 382 -4.09 -21.56 15.28
C CYS A 382 -5.55 -21.19 15.36
N PHE A 383 -6.27 -21.99 16.15
CA PHE A 383 -7.65 -21.62 16.38
C PHE A 383 -7.68 -20.26 17.11
N ALA A 384 -6.80 -20.06 18.08
CA ALA A 384 -6.75 -18.75 18.77
C ALA A 384 -6.45 -17.63 17.79
N HIS A 385 -5.56 -17.84 16.82
CA HIS A 385 -5.32 -16.77 15.81
C HIS A 385 -6.51 -16.50 15.01
N LEU A 386 -7.27 -17.49 14.58
CA LEU A 386 -8.51 -17.30 13.85
C LEU A 386 -9.48 -16.40 14.66
N LEU A 387 -9.59 -16.73 15.95
CA LEU A 387 -10.53 -16.00 16.80
C LEU A 387 -10.03 -14.53 17.02
N ARG A 388 -8.73 -14.32 17.17
CA ARG A 388 -8.15 -12.97 17.34
C ARG A 388 -8.41 -12.12 16.09
N PHE A 389 -8.33 -12.75 14.90
CA PHE A 389 -8.64 -12.09 13.65
C PHE A 389 -10.10 -11.54 13.64
N TYR A 390 -11.05 -12.40 13.99
CA TYR A 390 -12.40 -11.95 14.07
C TYR A 390 -12.61 -10.95 15.18
N ASP A 391 -11.93 -11.09 16.31
CA ASP A 391 -12.10 -10.14 17.41
C ASP A 391 -11.67 -8.73 16.98
N GLY A 392 -10.59 -8.61 16.22
CA GLY A 392 -10.07 -7.33 15.81
C GLY A 392 -11.08 -6.67 14.83
N ILE A 393 -11.64 -7.47 13.94
CA ILE A 393 -12.60 -6.93 12.98
C ILE A 393 -13.85 -6.47 13.75
N CYS A 394 -14.33 -7.25 14.71
CA CYS A 394 -15.48 -6.84 15.48
C CYS A 394 -15.18 -5.56 16.26
N LYS A 395 -14.01 -5.44 16.84
CA LYS A 395 -13.67 -4.23 17.58
C LYS A 395 -13.51 -3.03 16.69
N TRP A 396 -12.95 -3.20 15.52
CA TRP A 396 -12.94 -2.17 14.45
C TRP A 396 -14.27 -1.56 14.26
N GLU A 397 -15.31 -2.41 14.19
CA GLU A 397 -16.64 -1.99 13.90
C GLU A 397 -17.24 -1.12 15.04
N GLU A 398 -16.80 -1.36 16.29
CA GLU A 398 -17.27 -0.59 17.44
C GLU A 398 -16.96 0.87 17.32
N GLY A 399 -17.98 1.68 17.46
CA GLY A 399 -17.81 3.11 17.42
C GLY A 399 -17.69 3.66 16.03
N SER A 400 -17.76 2.82 14.98
CA SER A 400 -17.56 3.27 13.60
C SER A 400 -18.87 3.86 13.08
N PRO A 401 -18.77 4.80 12.11
CA PRO A 401 -19.98 5.46 11.59
C PRO A 401 -20.75 4.55 10.63
N THR A 402 -20.08 3.49 10.21
CA THR A 402 -20.62 2.56 9.30
C THR A 402 -20.23 1.14 9.78
N PRO A 403 -21.18 0.18 9.67
CA PRO A 403 -20.94 -1.19 10.08
C PRO A 403 -19.99 -1.93 9.21
N VAL A 404 -19.43 -3.00 9.77
CA VAL A 404 -18.52 -3.82 8.99
C VAL A 404 -19.11 -5.19 8.71
N LEU A 405 -19.60 -5.86 9.75
CA LEU A 405 -20.09 -7.24 9.64
C LEU A 405 -21.53 -7.30 9.14
N HIS A 406 -21.80 -8.40 8.47
CA HIS A 406 -23.13 -8.75 8.01
C HIS A 406 -23.22 -10.21 7.80
N VAL A 407 -24.44 -10.73 7.49
CA VAL A 407 -24.65 -12.16 7.52
C VAL A 407 -23.79 -12.92 6.50
N GLY A 408 -23.36 -12.20 5.47
CA GLY A 408 -22.37 -12.75 4.48
C GLY A 408 -21.09 -13.17 5.08
N TRP A 409 -20.65 -12.50 6.14
CA TRP A 409 -19.49 -12.93 6.88
C TRP A 409 -19.78 -14.10 7.79
N ALA A 410 -20.98 -14.20 8.32
CA ALA A 410 -21.30 -15.23 9.33
C ALA A 410 -21.22 -16.63 8.77
N THR A 411 -21.65 -16.84 7.52
CA THR A 411 -21.54 -18.17 6.93
CA THR A 411 -21.54 -18.13 6.84
C THR A 411 -20.10 -18.69 6.82
N PHE A 412 -19.18 -17.82 6.48
CA PHE A 412 -17.80 -18.21 6.46
C PHE A 412 -17.21 -18.42 7.84
N LEU A 413 -17.51 -17.58 8.80
CA LEU A 413 -17.09 -17.78 10.20
C LEU A 413 -17.52 -19.15 10.67
N VAL A 414 -18.78 -19.52 10.50
CA VAL A 414 -19.23 -20.83 10.96
C VAL A 414 -18.48 -21.99 10.29
N GLN A 415 -18.25 -21.82 9.00
CA GLN A 415 -17.51 -22.81 8.22
C GLN A 415 -16.08 -22.97 8.73
N SER A 416 -15.42 -21.82 8.91
CA SER A 416 -14.05 -21.86 9.39
C SER A 416 -13.91 -22.42 10.78
N LEU A 417 -14.76 -21.99 11.70
CA LEU A 417 -14.78 -22.57 13.07
C LEU A 417 -14.90 -24.07 13.03
N GLY A 418 -15.74 -24.57 12.16
CA GLY A 418 -16.09 -25.97 12.02
C GLY A 418 -14.94 -26.80 11.46
N ARG A 419 -13.94 -26.17 10.88
CA ARG A 419 -12.74 -26.85 10.37
C ARG A 419 -11.83 -27.34 11.50
N PHE A 420 -12.04 -26.83 12.71
CA PHE A 420 -11.33 -27.31 13.88
C PHE A 420 -12.25 -28.21 14.69
N GLU A 421 -11.80 -29.39 15.07
CA GLU A 421 -12.56 -30.28 15.89
C GLU A 421 -12.81 -29.64 17.28
N GLY A 422 -13.90 -30.00 17.94
CA GLY A 422 -14.25 -29.52 19.25
C GLY A 422 -13.15 -29.76 20.26
N GLN A 423 -12.49 -30.90 20.19
CA GLN A 423 -11.34 -31.13 21.08
C GLN A 423 -10.16 -30.22 20.92
N VAL A 424 -9.96 -29.63 19.76
CA VAL A 424 -8.95 -28.62 19.56
C VAL A 424 -9.47 -27.29 20.09
N ARG A 425 -10.71 -26.95 19.72
CA ARG A 425 -11.33 -25.69 20.09
C ARG A 425 -11.40 -25.51 21.59
N GLN A 426 -11.69 -26.63 22.27
CA GLN A 426 -11.78 -26.64 23.78
C GLN A 426 -10.50 -26.24 24.51
N LYS A 427 -9.37 -26.38 23.83
CA LYS A 427 -8.06 -26.10 24.43
C LYS A 427 -7.76 -24.64 24.57
N VAL A 428 -8.47 -23.81 23.86
CA VAL A 428 -8.19 -22.34 24.00
C VAL A 428 -8.96 -21.78 25.21
N ARG A 429 -8.25 -21.13 26.13
CA ARG A 429 -8.93 -20.52 27.26
C ARG A 429 -9.09 -19.04 26.97
N ILE A 430 -10.31 -18.63 27.07
CA ILE A 430 -10.69 -17.27 26.79
C ILE A 430 -10.83 -16.64 28.16
N VAL A 431 -9.90 -15.71 28.41
CA VAL A 431 -9.74 -15.03 29.70
C VAL A 431 -10.22 -13.59 29.60
N SER A 432 -10.89 -13.15 30.66
CA SER A 432 -11.44 -11.82 30.71
C SER A 432 -10.45 -10.83 31.30
N VAL A 433 -10.42 -9.64 30.67
CA VAL A 433 -10.00 -8.42 31.30
C VAL A 433 -11.29 -7.71 31.76
N PRO A 445 -3.28 -22.43 25.19
CA PRO A 445 -3.34 -21.06 24.75
C PRO A 445 -4.37 -20.30 25.50
N VAL A 446 -4.13 -19.01 25.63
CA VAL A 446 -5.02 -18.14 26.36
C VAL A 446 -5.23 -16.99 25.38
N LEU A 447 -6.44 -16.47 25.36
CA LEU A 447 -6.76 -15.37 24.46
C LEU A 447 -7.68 -14.45 25.25
N THR A 448 -7.51 -13.14 25.10
CA THR A 448 -8.42 -12.20 25.68
C THR A 448 -9.12 -11.51 24.51
N PHE A 449 -10.41 -11.42 24.55
CA PHE A 449 -11.14 -10.65 23.55
C PHE A 449 -11.31 -9.20 23.94
N GLN A 450 -11.18 -8.34 22.93
CA GLN A 450 -11.43 -6.94 23.06
C GLN A 450 -12.85 -6.52 22.67
N SER A 451 -13.47 -7.25 21.75
CA SER A 451 -14.73 -6.90 21.18
C SER A 451 -15.88 -7.46 22.00
N GLU A 452 -16.99 -6.70 22.10
CA GLU A 452 -18.19 -7.24 22.77
C GLU A 452 -18.82 -8.43 21.98
N LYS A 453 -18.75 -8.41 20.64
CA LYS A 453 -19.30 -9.49 19.86
C LYS A 453 -18.62 -10.78 20.20
N MET A 454 -17.28 -10.81 20.23
CA MET A 454 -16.63 -12.06 20.47
C MET A 454 -16.78 -12.50 21.92
N LYS A 455 -16.78 -11.55 22.84
CA LYS A 455 -16.99 -11.94 24.26
C LYS A 455 -18.30 -12.73 24.39
N GLY A 456 -19.33 -12.24 23.69
CA GLY A 456 -20.63 -12.92 23.76
C GLY A 456 -20.65 -14.24 23.04
N MET A 457 -19.72 -14.46 22.15
CA MET A 457 -19.66 -15.69 21.37
C MET A 457 -18.91 -16.80 22.07
N LYS A 458 -18.21 -16.50 23.17
CA LYS A 458 -17.30 -17.45 23.73
C LYS A 458 -17.86 -18.81 24.08
N GLU A 459 -19.04 -18.91 24.68
CA GLU A 459 -19.57 -20.24 24.99
C GLU A 459 -19.81 -21.05 23.71
N LEU A 460 -20.24 -20.39 22.64
CA LEU A 460 -20.59 -21.09 21.37
C LEU A 460 -19.35 -21.68 20.68
N LEU A 461 -18.19 -21.15 21.05
CA LEU A 461 -16.93 -21.57 20.35
C LEU A 461 -16.37 -22.94 20.65
N VAL A 462 -16.85 -23.66 21.68
CA VAL A 462 -16.38 -25.05 22.08
C VAL A 462 -17.35 -26.24 21.97
N ALA A 463 -18.59 -25.97 21.58
CA ALA A 463 -19.51 -27.01 21.26
C ALA A 463 -19.01 -27.91 20.17
N THR A 464 -19.29 -29.22 20.30
CA THR A 464 -18.89 -30.21 19.33
C THR A 464 -19.40 -29.88 17.95
N LYS A 465 -20.69 -29.51 17.94
CA LYS A 465 -21.37 -29.05 16.76
C LYS A 465 -21.62 -27.58 17.08
N ILE A 466 -21.04 -26.74 16.26
CA ILE A 466 -21.17 -25.29 16.32
C ILE A 466 -22.62 -24.94 16.01
N ASN A 467 -23.22 -24.13 16.90
CA ASN A 467 -24.57 -23.62 16.68
C ASN A 467 -24.58 -22.47 15.66
N SER A 468 -24.69 -22.84 14.41
CA SER A 468 -24.67 -21.86 13.31
C SER A 468 -25.66 -20.70 13.44
N SER A 469 -26.92 -20.95 13.83
CA SER A 469 -27.85 -19.84 13.96
CA SER A 469 -27.88 -19.84 13.94
C SER A 469 -27.47 -18.89 15.09
N ALA A 470 -27.04 -19.46 16.24
CA ALA A 470 -26.66 -18.59 17.33
C ALA A 470 -25.41 -17.73 16.99
N ILE A 471 -24.44 -18.35 16.36
CA ILE A 471 -23.24 -17.60 15.85
C ILE A 471 -23.67 -16.46 14.97
N LYS A 472 -24.50 -16.72 13.98
CA LYS A 472 -25.02 -15.69 13.12
C LYS A 472 -25.68 -14.57 13.87
N LEU A 473 -26.53 -14.90 14.83
CA LEU A 473 -27.15 -13.86 15.62
C LEU A 473 -26.12 -12.98 16.36
N GLN A 474 -25.13 -13.61 16.94
CA GLN A 474 -24.13 -12.91 17.72
C GLN A 474 -23.24 -12.05 16.81
N LEU A 475 -22.90 -12.50 15.60
CA LEU A 475 -21.97 -11.76 14.80
C LEU A 475 -22.62 -10.55 14.14
N THR A 476 -23.93 -10.58 13.96
CA THR A 476 -24.59 -9.56 13.15
C THR A 476 -25.61 -8.79 13.98
N ALA A 477 -26.16 -7.75 13.35
CA ALA A 477 -27.20 -6.90 13.99
C ALA A 477 -28.55 -7.60 14.12
N GLN A 478 -28.71 -8.71 13.38
CA GLN A 478 -29.91 -9.55 13.46
C GLN A 478 -30.08 -9.96 14.89
N SER A 479 -31.31 -9.81 15.41
CA SER A 479 -31.65 -10.20 16.81
C SER A 479 -32.84 -11.13 16.95
N GLN A 480 -33.57 -11.34 15.85
CA GLN A 480 -34.72 -12.20 15.82
C GLN A 480 -34.55 -13.31 14.81
N VAL A 481 -35.27 -14.41 15.00
CA VAL A 481 -35.29 -15.53 14.01
C VAL A 481 -36.60 -15.46 13.16
N GLN A 482 -36.71 -16.23 12.09
CA GLN A 482 -37.92 -16.08 11.21
C GLN A 482 -39.24 -16.40 12.00
N MET A 483 -40.32 -15.65 11.71
CA MET A 483 -41.61 -15.78 12.42
C MET A 483 -42.19 -17.17 12.29
N LYS A 484 -42.35 -17.63 11.05
CA LYS A 484 -42.71 -19.01 10.73
C LYS A 484 -41.42 -19.83 10.66
N SER B 1 -6.36 -6.78 -19.58
CA SER B 1 -5.63 -5.44 -19.58
C SER B 1 -5.00 -5.13 -18.22
N ALA B 2 -3.76 -4.63 -18.25
CA ALA B 2 -3.03 -4.23 -17.03
C ALA B 2 -3.78 -3.08 -16.26
N ARG B 3 -3.76 -3.11 -14.93
CA ARG B 3 -4.43 -2.03 -14.18
C ARG B 3 -3.48 -1.28 -13.22
N TRP B 4 -3.90 -0.10 -12.82
CA TRP B 4 -3.30 0.61 -11.67
C TRP B 4 -3.54 -0.01 -10.32
N ARG B 5 -2.49 -0.02 -9.46
CA ARG B 5 -2.68 -0.20 -7.99
C ARG B 5 -1.84 0.75 -7.25
N PHE B 6 -2.28 1.15 -6.07
CA PHE B 6 -1.53 2.11 -5.26
C PHE B 6 -0.13 1.60 -5.08
N PRO B 7 0.89 2.47 -5.20
CA PRO B 7 2.26 1.94 -5.20
C PRO B 7 2.62 1.18 -3.92
N ALA B 8 3.15 -0.02 -4.13
CA ALA B 8 3.64 -0.89 -3.05
C ALA B 8 2.49 -1.41 -2.15
N ARG B 9 1.26 -1.36 -2.62
CA ARG B 9 0.19 -2.09 -1.92
C ARG B 9 0.46 -3.59 -2.13
N PRO B 10 0.31 -4.40 -1.09
CA PRO B 10 0.59 -5.82 -1.27
C PRO B 10 -0.46 -6.53 -2.11
N GLY B 11 -0.16 -7.73 -2.59
CA GLY B 11 -1.21 -8.56 -3.29
C GLY B 11 -1.34 -8.16 -4.73
N THR B 12 -2.29 -8.78 -5.44
CA THR B 12 -2.40 -8.57 -6.90
C THR B 12 -3.83 -8.14 -7.24
#